data_3NBM
#
_entry.id   3NBM
#
_cell.length_a   41.372
_cell.length_b   41.372
_cell.length_c   98.527
_cell.angle_alpha   90.000
_cell.angle_beta   90.000
_cell.angle_gamma   90.000
#
_symmetry.space_group_name_H-M   'P 43 21 2'
#
loop_
_entity.id
_entity.type
_entity.pdbx_description
1 polymer 'PTS system, lactose-specific IIBC components'
2 non-polymer GLYCEROL
3 water water
#
_entity_poly.entity_id   1
_entity_poly.type   'polypeptide(L)'
_entity_poly.pdbx_seq_one_letter_code
;SNASKELKVLVLCAGSGTSAQLANAINEGANLTEVRVIANSGAYGAHYDI(MSE)GVYDLIILAPQVRSYYRE(MSE)KV
DAERLGIQIVATRG(MSE)EYIHLTKSPSKALQFVLEHYQ
;
_entity_poly.pdbx_strand_id   A
#
loop_
_chem_comp.id
_chem_comp.type
_chem_comp.name
_chem_comp.formula
GOL non-polymer GLYCEROL 'C3 H8 O3'
#
# COMPACT_ATOMS: atom_id res chain seq x y z
N LYS A 5 2.02 -18.08 0.04
CA LYS A 5 0.87 -17.18 -0.26
C LYS A 5 1.34 -15.93 -1.00
N GLU A 6 0.48 -15.46 -1.89
CA GLU A 6 0.68 -14.18 -2.55
C GLU A 6 0.57 -13.04 -1.54
N LEU A 7 1.50 -12.10 -1.59
CA LEU A 7 1.45 -10.89 -0.77
C LEU A 7 0.31 -9.98 -1.23
N LYS A 8 -0.54 -9.57 -0.30
CA LYS A 8 -1.72 -8.76 -0.60
C LYS A 8 -1.50 -7.35 -0.05
N VAL A 9 -1.54 -6.37 -0.96
CA VAL A 9 -1.29 -4.96 -0.65
C VAL A 9 -2.55 -4.13 -0.95
N LEU A 10 -2.90 -3.27 0.00
CA LEU A 10 -3.99 -2.31 -0.20
C LEU A 10 -3.44 -0.90 -0.10
N VAL A 11 -3.65 -0.10 -1.14
CA VAL A 11 -3.28 1.31 -1.16
C VAL A 11 -4.54 2.14 -0.93
N LEU A 12 -4.51 3.03 0.07
CA LEU A 12 -5.67 3.84 0.42
C LEU A 12 -5.40 5.32 0.14
N CYS A 13 -6.40 5.99 -0.42
CA CYS A 13 -6.36 7.44 -0.56
C CYS A 13 -7.63 8.04 0.04
N ALA A 14 -7.82 9.33 -0.18
CA ALA A 14 -8.97 10.04 0.33
C ALA A 14 -10.12 10.10 -0.68
N GLY A 15 -10.02 9.31 -1.74
CA GLY A 15 -11.06 9.19 -2.76
C GLY A 15 -10.80 9.89 -4.06
N SER A 16 -9.62 10.48 -4.22
CA SER A 16 -9.27 11.12 -5.49
C SER A 16 -8.99 10.10 -6.59
N GLY A 17 -8.67 8.88 -6.18
CA GLY A 17 -8.25 7.84 -7.10
C GLY A 17 -6.74 7.72 -7.26
N THR A 18 -6.00 8.54 -6.55
CA THR A 18 -4.57 8.47 -6.58
C THR A 18 -4.05 7.09 -6.13
N SER A 19 -4.75 6.42 -5.21
CA SER A 19 -4.32 5.10 -4.74
C SER A 19 -4.18 4.09 -5.89
N ALA A 20 -5.05 4.18 -6.88
CA ALA A 20 -5.00 3.29 -8.02
C ALA A 20 -3.70 3.45 -8.81
N GLN A 21 -3.12 4.66 -8.83
N GLN A 21 -3.12 4.65 -8.83
CA GLN A 21 -1.86 4.91 -9.55
CA GLN A 21 -1.87 4.88 -9.57
C GLN A 21 -0.75 4.03 -8.97
C GLN A 21 -0.75 4.04 -8.97
N LEU A 22 -0.65 3.99 -7.64
CA LEU A 22 0.35 3.15 -7.02
C LEU A 22 0.01 1.66 -7.13
N ALA A 23 -1.26 1.28 -6.92
CA ALA A 23 -1.63 -0.14 -7.10
C ALA A 23 -1.26 -0.62 -8.50
N ASN A 24 -1.55 0.19 -9.52
CA ASN A 24 -1.22 -0.20 -10.88
C ASN A 24 0.29 -0.38 -11.07
N ALA A 25 1.08 0.53 -10.54
CA ALA A 25 2.54 0.45 -10.66
C ALA A 25 3.06 -0.81 -9.97
N ILE A 26 2.55 -1.10 -8.77
CA ILE A 26 2.98 -2.29 -8.04
C ILE A 26 2.65 -3.54 -8.85
N ASN A 27 1.42 -3.59 -9.36
CA ASN A 27 0.99 -4.75 -10.15
C ASN A 27 1.79 -4.91 -11.42
N GLU A 28 2.11 -3.83 -12.10
CA GLU A 28 2.91 -3.93 -13.31
C GLU A 28 4.31 -4.42 -12.94
N GLY A 29 4.88 -3.89 -11.87
CA GLY A 29 6.21 -4.34 -11.46
C GLY A 29 6.18 -5.81 -11.08
N ALA A 30 5.18 -6.21 -10.31
CA ALA A 30 5.05 -7.61 -9.89
C ALA A 30 4.93 -8.55 -11.10
N ASN A 31 4.12 -8.14 -12.07
CA ASN A 31 3.90 -8.94 -13.26
C ASN A 31 5.19 -9.09 -14.06
N LEU A 32 5.87 -7.98 -14.31
CA LEU A 32 7.07 -7.99 -15.14
C LEU A 32 8.22 -8.73 -14.47
N THR A 33 8.30 -8.64 -13.15
CA THR A 33 9.34 -9.29 -12.35
C THR A 33 8.98 -10.73 -11.98
N GLU A 34 7.71 -11.11 -12.20
CA GLU A 34 7.20 -12.42 -11.87
C GLU A 34 7.32 -12.75 -10.39
N VAL A 35 6.84 -11.83 -9.55
CA VAL A 35 6.83 -11.97 -8.10
CA VAL A 35 6.80 -12.05 -8.11
C VAL A 35 5.36 -12.03 -7.63
N ARG A 36 5.11 -12.76 -6.55
CA ARG A 36 3.74 -13.02 -6.10
CA ARG A 36 3.74 -13.01 -6.09
C ARG A 36 3.22 -11.92 -5.17
N VAL A 37 2.71 -10.87 -5.80
CA VAL A 37 2.15 -9.70 -5.15
C VAL A 37 0.94 -9.24 -5.93
N ILE A 38 -0.13 -8.89 -5.23
CA ILE A 38 -1.27 -8.18 -5.81
C ILE A 38 -1.56 -6.94 -4.95
N ALA A 39 -1.80 -5.83 -5.63
CA ALA A 39 -2.21 -4.58 -5.00
C ALA A 39 -3.59 -4.16 -5.44
N ASN A 40 -4.38 -3.75 -4.47
CA ASN A 40 -5.66 -3.10 -4.71
C ASN A 40 -5.64 -1.70 -4.20
N SER A 41 -6.63 -0.92 -4.61
CA SER A 41 -6.80 0.46 -4.16
C SER A 41 -8.19 0.64 -3.55
N GLY A 42 -8.30 1.61 -2.69
CA GLY A 42 -9.56 1.91 -2.07
C GLY A 42 -9.52 3.25 -1.38
N ALA A 43 -10.69 3.69 -0.90
CA ALA A 43 -10.83 4.89 -0.10
C ALA A 43 -10.70 4.60 1.40
N TYR A 44 -9.95 5.43 2.10
CA TYR A 44 -9.88 5.33 3.56
C TYR A 44 -11.27 5.56 4.13
N GLY A 45 -11.73 4.62 4.93
CA GLY A 45 -13.09 4.59 5.44
C GLY A 45 -13.94 3.45 4.93
N ALA A 46 -13.56 2.84 3.80
CA ALA A 46 -14.21 1.63 3.27
C ALA A 46 -13.42 0.39 3.64
N HIS A 47 -12.40 0.53 4.50
CA HIS A 47 -11.42 -0.52 4.71
C HIS A 47 -11.55 -1.26 6.04
N TYR A 48 -12.43 -0.85 6.95
CA TYR A 48 -12.37 -1.36 8.30
C TYR A 48 -12.62 -2.84 8.41
N ASP A 49 -13.45 -3.40 7.53
CA ASP A 49 -13.73 -4.84 7.58
C ASP A 49 -12.85 -5.65 6.66
N ILE A 50 -12.32 -5.05 5.58
CA ILE A 50 -11.48 -5.75 4.63
C ILE A 50 -10.02 -5.69 4.96
N MSE A 51 -9.61 -4.83 5.89
CA MSE A 51 -8.20 -4.63 6.10
C MSE A 51 -7.49 -5.93 6.53
O MSE A 51 -6.32 -6.13 6.21
CB MSE A 51 -7.92 -3.46 7.05
CG MSE A 51 -8.51 -3.61 8.42
SE MSE A 51 -8.14 -2.03 9.56
CE MSE A 51 -6.25 -2.16 9.69
N GLY A 52 -8.17 -6.82 7.25
CA GLY A 52 -7.58 -8.06 7.65
C GLY A 52 -7.25 -9.04 6.55
N VAL A 53 -7.76 -8.81 5.35
CA VAL A 53 -7.43 -9.61 4.18
C VAL A 53 -5.99 -9.30 3.71
N TYR A 54 -5.48 -8.12 4.07
CA TYR A 54 -4.24 -7.62 3.50
C TYR A 54 -3.06 -7.82 4.45
N ASP A 55 -1.87 -7.89 3.85
CA ASP A 55 -0.61 -8.03 4.57
C ASP A 55 0.09 -6.69 4.80
N LEU A 56 -0.06 -5.76 3.83
CA LEU A 56 0.58 -4.45 3.83
C LEU A 56 -0.46 -3.45 3.37
N ILE A 57 -0.61 -2.36 4.12
CA ILE A 57 -1.47 -1.25 3.72
C ILE A 57 -0.58 -0.03 3.61
N ILE A 58 -0.71 0.64 2.46
CA ILE A 58 0.05 1.85 2.16
C ILE A 58 -0.92 3.04 2.07
N LEU A 59 -0.64 4.05 2.89
CA LEU A 59 -1.40 5.29 2.88
C LEU A 59 -0.80 6.24 1.85
N ALA A 60 -1.64 6.71 0.93
CA ALA A 60 -1.25 7.78 0.00
C ALA A 60 -1.05 9.07 0.79
N PRO A 61 -0.39 10.08 0.18
CA PRO A 61 -0.05 11.30 0.91
C PRO A 61 -1.22 11.97 1.59
N GLN A 62 -2.36 11.99 0.95
CA GLN A 62 -3.49 12.73 1.46
C GLN A 62 -4.24 12.10 2.60
N VAL A 63 -3.85 10.88 2.96
CA VAL A 63 -4.38 10.21 4.17
C VAL A 63 -3.29 9.91 5.20
N ARG A 64 -2.17 10.62 5.12
CA ARG A 64 -1.09 10.49 6.10
C ARG A 64 -1.54 10.78 7.52
N SER A 65 -2.51 11.66 7.70
CA SER A 65 -2.99 12.01 9.03
C SER A 65 -3.65 10.86 9.78
N TYR A 66 -3.99 9.78 9.08
CA TYR A 66 -4.58 8.60 9.73
C TYR A 66 -3.55 7.53 10.11
N TYR A 67 -2.26 7.77 9.94
CA TYR A 67 -1.26 6.76 10.20
C TYR A 67 -1.33 6.17 11.61
N ARG A 68 -1.30 7.02 12.63
CA ARG A 68 -1.27 6.52 14.01
C ARG A 68 -2.49 5.68 14.31
N GLU A 69 -3.68 6.14 13.93
CA GLU A 69 -4.86 5.39 14.25
C GLU A 69 -4.90 4.08 13.47
N MSE A 70 -4.46 4.09 12.21
CA MSE A 70 -4.39 2.87 11.46
CA MSE A 70 -4.34 2.87 11.41
C MSE A 70 -3.39 1.88 12.06
O MSE A 70 -3.67 0.68 12.09
CB MSE A 70 -4.06 3.19 10.01
CB MSE A 70 -3.87 3.21 9.99
CG MSE A 70 -3.85 1.94 9.27
CG MSE A 70 -3.60 2.01 9.08
SE MSE A 70 -4.16 2.02 7.39
SE MSE A 70 -5.13 0.83 8.77
CE MSE A 70 -5.91 1.45 7.39
CE MSE A 70 -5.54 1.53 7.01
N LYS A 71 -2.27 2.38 12.60
CA LYS A 71 -1.33 1.47 13.29
CA LYS A 71 -1.31 1.52 13.30
C LYS A 71 -1.99 0.79 14.46
N VAL A 72 -2.82 1.52 15.22
CA VAL A 72 -3.53 0.89 16.33
C VAL A 72 -4.49 -0.16 15.79
N ASP A 73 -5.23 0.15 14.73
CA ASP A 73 -6.16 -0.83 14.11
C ASP A 73 -5.43 -2.05 13.60
N ALA A 74 -4.20 -1.89 13.14
CA ALA A 74 -3.41 -2.99 12.59
C ALA A 74 -2.83 -3.89 13.70
N GLU A 75 -2.85 -3.46 14.97
CA GLU A 75 -2.06 -4.16 15.97
CA GLU A 75 -2.13 -4.15 16.05
C GLU A 75 -2.61 -5.56 16.28
N ARG A 76 -3.92 -5.78 16.19
CA ARG A 76 -4.49 -7.11 16.46
C ARG A 76 -4.21 -8.09 15.39
N LEU A 77 -3.94 -7.62 14.18
CA LEU A 77 -3.71 -8.58 13.12
CA LEU A 77 -3.76 -8.41 12.99
C LEU A 77 -2.27 -8.64 12.67
N GLY A 78 -1.41 -7.77 13.18
CA GLY A 78 -0.01 -7.77 12.76
C GLY A 78 0.20 -7.33 11.31
N ILE A 79 -0.73 -6.56 10.74
CA ILE A 79 -0.67 -6.02 9.35
C ILE A 79 0.48 -4.97 9.33
N GLN A 80 1.26 -4.92 8.26
CA GLN A 80 2.25 -3.85 8.11
C GLN A 80 1.56 -2.61 7.55
N ILE A 81 1.90 -1.44 8.09
CA ILE A 81 1.32 -0.15 7.65
C ILE A 81 2.45 0.78 7.31
N VAL A 82 2.34 1.48 6.18
CA VAL A 82 3.34 2.47 5.78
CA VAL A 82 3.33 2.45 5.74
C VAL A 82 2.62 3.71 5.28
N ALA A 83 3.14 4.87 5.66
CA ALA A 83 2.63 6.16 5.17
C ALA A 83 3.63 6.76 4.20
N THR A 84 3.13 7.52 3.24
CA THR A 84 3.95 8.14 2.22
C THR A 84 3.79 9.66 2.23
N ARG A 85 4.77 10.30 1.61
CA ARG A 85 4.75 11.73 1.36
C ARG A 85 4.76 11.98 -0.14
N GLY A 86 4.39 13.19 -0.56
CA GLY A 86 4.04 13.48 -1.96
C GLY A 86 5.08 13.14 -3.01
N MSE A 87 6.31 13.62 -2.85
CA MSE A 87 7.33 13.39 -3.88
CA MSE A 87 7.36 13.38 -3.87
C MSE A 87 7.71 11.91 -3.96
O MSE A 87 7.80 11.33 -5.05
CB MSE A 87 8.53 14.31 -3.61
CB MSE A 87 8.65 14.13 -3.55
CG MSE A 87 8.20 15.80 -3.74
CG MSE A 87 8.63 15.61 -3.72
SE MSE A 87 7.75 16.32 -5.56
SE MSE A 87 7.52 16.39 -5.10
CE MSE A 87 9.54 16.33 -6.24
CE MSE A 87 7.56 15.32 -6.62
N GLU A 88 7.89 11.28 -2.80
CA GLU A 88 8.12 9.85 -2.67
C GLU A 88 7.06 9.05 -3.42
N TYR A 89 5.80 9.32 -3.12
CA TYR A 89 4.69 8.57 -3.66
C TYR A 89 4.62 8.72 -5.18
N ILE A 90 4.71 9.97 -5.66
CA ILE A 90 4.59 10.22 -7.08
C ILE A 90 5.73 9.51 -7.84
N HIS A 91 6.94 9.55 -7.30
CA HIS A 91 8.03 8.79 -7.93
CA HIS A 91 8.03 8.82 -7.91
C HIS A 91 7.72 7.31 -8.05
N LEU A 92 7.17 6.72 -7.01
CA LEU A 92 6.77 5.32 -7.11
C LEU A 92 5.70 5.05 -8.17
N THR A 93 4.75 5.95 -8.34
CA THR A 93 3.69 5.73 -9.32
C THR A 93 4.22 5.68 -10.75
N LYS A 94 5.38 6.29 -10.97
CA LYS A 94 6.01 6.37 -12.28
C LYS A 94 7.01 5.27 -12.56
N SER A 95 7.23 4.37 -11.60
CA SER A 95 8.23 3.33 -11.78
C SER A 95 7.77 2.01 -11.19
N PRO A 96 7.29 1.11 -12.08
CA PRO A 96 6.91 -0.21 -11.57
C PRO A 96 8.00 -0.92 -10.78
N SER A 97 9.25 -0.83 -11.22
CA SER A 97 10.34 -1.49 -10.50
C SER A 97 10.52 -0.90 -9.11
N LYS A 98 10.50 0.43 -8.98
CA LYS A 98 10.63 1.05 -7.67
C LYS A 98 9.41 0.76 -6.80
N ALA A 99 8.22 0.75 -7.39
CA ALA A 99 6.98 0.47 -6.63
C ALA A 99 7.05 -0.94 -6.03
N LEU A 100 7.47 -1.92 -6.83
CA LEU A 100 7.57 -3.29 -6.33
C LEU A 100 8.63 -3.39 -5.24
N GLN A 101 9.79 -2.77 -5.47
CA GLN A 101 10.84 -2.79 -4.46
C GLN A 101 10.39 -2.16 -3.13
N PHE A 102 9.63 -1.08 -3.22
CA PHE A 102 9.08 -0.43 -2.05
C PHE A 102 8.20 -1.39 -1.25
N VAL A 103 7.31 -2.11 -1.94
CA VAL A 103 6.45 -3.08 -1.27
C VAL A 103 7.28 -4.12 -0.53
N LEU A 104 8.23 -4.73 -1.22
CA LEU A 104 8.97 -5.82 -0.61
C LEU A 104 9.88 -5.31 0.52
N GLU A 105 10.43 -4.11 0.38
CA GLU A 105 11.28 -3.61 1.46
CA GLU A 105 11.25 -3.46 1.42
C GLU A 105 10.46 -3.31 2.71
N HIS A 106 9.14 -3.14 2.57
CA HIS A 106 8.25 -2.96 3.70
C HIS A 106 7.49 -4.20 4.13
N TYR A 107 7.90 -5.35 3.62
CA TYR A 107 7.35 -6.60 4.07
C TYR A 107 8.45 -7.67 4.08
N GLN A 108 9.41 -7.48 4.95
CA GLN A 108 10.49 -8.45 5.09
C GLN A 108 10.13 -9.50 6.11
C1 GOL B . 2.28 -13.98 -11.11
O1 GOL B . 2.71 -14.33 -9.81
C2 GOL B . 3.41 -13.17 -11.73
O2 GOL B . 3.68 -11.98 -11.04
C3 GOL B . 3.11 -12.84 -13.18
O3 GOL B . 1.92 -12.04 -13.22
#